data_1SZA
#
_entry.id   1SZA
#
_cell.length_a   57.620
_cell.length_b   67.000
_cell.length_c   135.000
_cell.angle_alpha   90.00
_cell.angle_beta   90.00
_cell.angle_gamma   90.00
#
_symmetry.space_group_name_H-M   'P 21 21 21'
#
loop_
_entity.id
_entity.type
_entity.pdbx_description
1 polymer 'PCF11 protein'
2 polymer CTD-peptide
3 water water
#
loop_
_entity_poly.entity_id
_entity_poly.type
_entity_poly.pdbx_seq_one_letter_code
_entity_poly.pdbx_strand_id
1 'polypeptide(L)'
;MDHDTEVIVKDFNSILEELTFNSRPIITTLTKLAEENISCAQYFVDAIESRIEKCMPKQKLYAFYALDSICKNVGSPYTI
YFSRNLFNLYKRTYLLVDNTTRTKLINMFKLWLNPNDTGLPLFEGSALEKIEQFLIKASAAALE
;
A,B,C
2 'polypeptide(L)' YSPTSPSY(SEP)PTSPS Z
#
# COMPACT_ATOMS: atom_id res chain seq x y z
N MET A 1 -8.93 -22.60 -13.26
CA MET A 1 -7.69 -21.85 -13.56
C MET A 1 -7.50 -21.81 -15.08
N ASP A 2 -7.90 -20.69 -15.69
CA ASP A 2 -7.77 -20.53 -17.13
C ASP A 2 -6.31 -20.40 -17.58
N HIS A 3 -6.12 -20.01 -18.83
CA HIS A 3 -4.78 -19.85 -19.41
C HIS A 3 -3.91 -18.79 -18.74
N ASP A 4 -4.30 -17.52 -18.89
CA ASP A 4 -3.54 -16.41 -18.32
C ASP A 4 -3.19 -16.62 -16.85
N THR A 5 -4.14 -17.16 -16.08
CA THR A 5 -3.95 -17.43 -14.67
C THR A 5 -2.89 -18.49 -14.44
N GLU A 6 -2.96 -19.56 -15.23
CA GLU A 6 -2.03 -20.66 -15.13
C GLU A 6 -0.61 -20.24 -15.52
N VAL A 7 -0.50 -19.33 -16.48
CA VAL A 7 0.79 -18.82 -16.91
C VAL A 7 1.43 -18.02 -15.78
N ILE A 8 0.69 -17.06 -15.26
CA ILE A 8 1.16 -16.20 -14.17
C ILE A 8 1.56 -16.99 -12.92
N VAL A 9 0.70 -17.93 -12.51
CA VAL A 9 0.97 -18.75 -11.34
C VAL A 9 2.20 -19.64 -11.54
N LYS A 10 2.36 -20.19 -12.74
CA LYS A 10 3.51 -21.03 -13.03
C LYS A 10 4.80 -20.23 -13.00
N ASP A 11 4.72 -18.97 -13.42
CA ASP A 11 5.90 -18.10 -13.41
C ASP A 11 6.30 -17.75 -11.98
N PHE A 12 5.31 -17.44 -11.14
CA PHE A 12 5.56 -17.11 -9.74
C PHE A 12 6.27 -18.29 -9.09
N ASN A 13 5.79 -19.50 -9.39
CA ASN A 13 6.37 -20.73 -8.84
C ASN A 13 7.79 -20.96 -9.30
N SER A 14 8.08 -20.63 -10.56
CA SER A 14 9.42 -20.83 -11.07
C SER A 14 10.40 -19.87 -10.41
N ILE A 15 9.95 -18.63 -10.20
CA ILE A 15 10.81 -17.64 -9.57
C ILE A 15 11.04 -18.00 -8.10
N LEU A 16 9.98 -18.45 -7.43
CA LEU A 16 10.07 -18.84 -6.03
C LEU A 16 11.07 -19.99 -5.82
N GLU A 17 11.17 -20.89 -6.81
CA GLU A 17 12.08 -22.02 -6.75
C GLU A 17 13.56 -21.61 -6.78
N GLU A 18 13.83 -20.37 -7.18
CA GLU A 18 15.21 -19.85 -7.23
C GLU A 18 15.57 -19.12 -5.93
N LEU A 19 14.62 -19.00 -5.01
CA LEU A 19 14.87 -18.30 -3.75
C LEU A 19 15.63 -19.20 -2.77
N THR A 20 16.91 -19.41 -3.06
CA THR A 20 17.75 -20.26 -2.23
C THR A 20 18.63 -19.48 -1.25
N PHE A 21 18.56 -18.14 -1.35
CA PHE A 21 19.31 -17.23 -0.46
C PHE A 21 18.49 -15.93 -0.33
N ASN A 22 18.99 -14.95 0.43
CA ASN A 22 18.29 -13.67 0.63
C ASN A 22 18.44 -12.74 -0.57
N SER A 23 17.70 -13.04 -1.63
CA SER A 23 17.77 -12.26 -2.85
C SER A 23 16.83 -11.07 -2.91
N ARG A 24 17.38 -9.85 -2.85
CA ARG A 24 16.56 -8.64 -2.93
C ARG A 24 15.80 -8.48 -4.26
N PRO A 25 16.48 -8.65 -5.40
CA PRO A 25 15.75 -8.50 -6.68
C PRO A 25 14.61 -9.52 -6.87
N ILE A 26 14.78 -10.74 -6.36
CA ILE A 26 13.74 -11.77 -6.46
C ILE A 26 12.60 -11.45 -5.49
N ILE A 27 12.93 -11.06 -4.27
CA ILE A 27 11.90 -10.72 -3.30
C ILE A 27 11.09 -9.50 -3.79
N THR A 28 11.76 -8.49 -4.33
CA THR A 28 11.06 -7.31 -4.85
C THR A 28 10.20 -7.68 -6.06
N THR A 29 10.73 -8.52 -6.94
CA THR A 29 9.99 -8.96 -8.13
C THR A 29 8.72 -9.74 -7.75
N LEU A 30 8.82 -10.63 -6.76
CA LEU A 30 7.66 -11.39 -6.31
C LEU A 30 6.66 -10.42 -5.68
N THR A 31 7.17 -9.40 -4.98
CA THR A 31 6.32 -8.40 -4.35
C THR A 31 5.52 -7.63 -5.42
N LYS A 32 6.19 -7.25 -6.51
CA LYS A 32 5.54 -6.55 -7.61
C LYS A 32 4.50 -7.43 -8.31
N LEU A 33 4.79 -8.73 -8.44
CA LEU A 33 3.84 -9.66 -9.09
C LEU A 33 2.57 -9.80 -8.25
N ALA A 34 2.76 -9.81 -6.93
CA ALA A 34 1.66 -9.91 -5.97
C ALA A 34 0.78 -8.65 -6.02
N GLU A 35 1.41 -7.49 -6.17
CA GLU A 35 0.68 -6.24 -6.23
C GLU A 35 -0.04 -6.02 -7.56
N GLU A 36 0.54 -6.53 -8.65
CA GLU A 36 -0.03 -6.39 -9.98
C GLU A 36 -1.04 -7.47 -10.37
N ASN A 37 -1.05 -8.58 -9.64
CA ASN A 37 -1.97 -9.69 -9.94
C ASN A 37 -2.72 -10.16 -8.70
N ILE A 38 -3.41 -9.24 -8.03
CA ILE A 38 -4.16 -9.61 -6.84
C ILE A 38 -5.18 -10.71 -7.11
N SER A 39 -5.61 -10.84 -8.37
CA SER A 39 -6.57 -11.87 -8.74
C SER A 39 -6.04 -13.28 -8.52
N CYS A 40 -4.72 -13.43 -8.48
CA CYS A 40 -4.11 -14.74 -8.27
C CYS A 40 -3.59 -14.87 -6.83
N ALA A 41 -3.97 -13.92 -5.97
CA ALA A 41 -3.55 -13.87 -4.58
C ALA A 41 -3.54 -15.21 -3.83
N GLN A 42 -4.61 -15.98 -3.96
CA GLN A 42 -4.70 -17.27 -3.27
C GLN A 42 -3.65 -18.28 -3.70
N TYR A 43 -3.35 -18.32 -4.99
CA TYR A 43 -2.35 -19.26 -5.48
C TYR A 43 -0.95 -18.87 -5.01
N PHE A 44 -0.68 -17.57 -4.95
CA PHE A 44 0.63 -17.08 -4.49
C PHE A 44 0.80 -17.46 -3.01
N VAL A 45 -0.27 -17.34 -2.23
CA VAL A 45 -0.21 -17.69 -0.81
C VAL A 45 0.08 -19.20 -0.65
N ASP A 46 -0.66 -20.04 -1.38
CA ASP A 46 -0.43 -21.49 -1.31
C ASP A 46 1.00 -21.84 -1.72
N ALA A 47 1.49 -21.19 -2.77
CA ALA A 47 2.84 -21.45 -3.26
C ALA A 47 3.89 -21.11 -2.20
N ILE A 48 3.73 -19.95 -1.55
CA ILE A 48 4.67 -19.54 -0.52
C ILE A 48 4.67 -20.47 0.71
N GLU A 49 3.49 -20.85 1.20
CA GLU A 49 3.42 -21.73 2.36
C GLU A 49 3.94 -23.14 2.06
N SER A 50 3.66 -23.64 0.85
CA SER A 50 4.12 -24.97 0.45
C SER A 50 5.65 -24.96 0.38
N ARG A 51 6.21 -23.87 -0.15
CA ARG A 51 7.65 -23.72 -0.26
C ARG A 51 8.25 -23.81 1.15
N ILE A 52 7.70 -23.01 2.07
CA ILE A 52 8.15 -22.99 3.46
C ILE A 52 8.06 -24.38 4.11
N GLU A 53 6.98 -25.11 3.81
CA GLU A 53 6.78 -26.45 4.36
C GLU A 53 7.76 -27.49 3.83
N LYS A 54 8.03 -27.43 2.52
CA LYS A 54 8.91 -28.40 1.87
C LYS A 54 10.42 -28.20 1.82
N CYS A 55 10.90 -26.96 1.86
CA CYS A 55 12.34 -26.76 1.74
C CYS A 55 13.19 -26.89 3.00
N MET A 56 14.50 -26.83 2.79
CA MET A 56 15.48 -26.94 3.87
C MET A 56 15.41 -25.77 4.83
N PRO A 57 15.84 -25.98 6.09
CA PRO A 57 15.85 -24.98 7.16
C PRO A 57 16.20 -23.56 6.71
N LYS A 58 17.41 -23.38 6.22
CA LYS A 58 17.90 -22.08 5.74
C LYS A 58 16.93 -21.42 4.76
N GLN A 59 16.53 -22.18 3.75
CA GLN A 59 15.63 -21.66 2.72
C GLN A 59 14.22 -21.32 3.20
N LYS A 60 13.82 -21.86 4.35
CA LYS A 60 12.51 -21.55 4.90
C LYS A 60 12.45 -20.06 5.29
N LEU A 61 13.57 -19.51 5.76
CA LEU A 61 13.61 -18.10 6.19
C LEU A 61 13.39 -17.09 5.05
N TYR A 62 14.04 -17.33 3.91
CA TYR A 62 13.93 -16.41 2.78
C TYR A 62 12.52 -16.42 2.21
N ALA A 63 11.87 -17.58 2.25
CA ALA A 63 10.50 -17.69 1.78
C ALA A 63 9.65 -16.83 2.73
N PHE A 64 9.99 -16.84 4.02
CA PHE A 64 9.28 -16.03 5.01
C PHE A 64 9.56 -14.54 4.77
N TYR A 65 10.74 -14.20 4.26
CA TYR A 65 11.02 -12.79 3.98
C TYR A 65 10.18 -12.31 2.79
N ALA A 66 9.88 -13.22 1.85
CA ALA A 66 9.06 -12.86 0.69
C ALA A 66 7.65 -12.54 1.19
N LEU A 67 7.18 -13.37 2.14
CA LEU A 67 5.87 -13.18 2.76
C LEU A 67 5.82 -11.83 3.50
N ASP A 68 6.89 -11.52 4.22
CA ASP A 68 7.01 -10.28 4.99
C ASP A 68 6.96 -9.04 4.07
N SER A 69 7.75 -9.05 3.00
CA SER A 69 7.79 -7.93 2.05
C SER A 69 6.42 -7.68 1.41
N ILE A 70 5.78 -8.74 0.93
CA ILE A 70 4.46 -8.64 0.32
C ILE A 70 3.44 -8.06 1.31
N CYS A 71 3.48 -8.53 2.56
CA CYS A 71 2.53 -8.04 3.56
C CYS A 71 2.74 -6.58 4.00
N LYS A 72 3.99 -6.13 4.07
CA LYS A 72 4.29 -4.74 4.47
C LYS A 72 4.13 -3.69 3.36
N ASN A 73 4.41 -4.07 2.13
CA ASN A 73 4.33 -3.13 1.01
C ASN A 73 3.05 -3.20 0.20
N VAL A 74 2.45 -4.38 0.09
CA VAL A 74 1.20 -4.54 -0.65
C VAL A 74 0.01 -4.50 0.32
N GLY A 75 0.15 -5.18 1.46
CA GLY A 75 -0.92 -5.22 2.45
C GLY A 75 -2.02 -6.20 2.10
N SER A 76 -3.27 -5.78 2.24
CA SER A 76 -4.42 -6.62 1.93
C SER A 76 -4.42 -6.97 0.43
N PRO A 77 -4.94 -8.16 0.06
CA PRO A 77 -5.54 -9.23 0.86
C PRO A 77 -4.54 -10.23 1.46
N TYR A 78 -3.27 -10.07 1.13
CA TYR A 78 -2.22 -10.97 1.61
C TYR A 78 -2.13 -11.03 3.15
N THR A 79 -2.28 -9.89 3.81
CA THR A 79 -2.23 -9.89 5.26
C THR A 79 -3.34 -10.76 5.86
N ILE A 80 -4.51 -10.74 5.23
CA ILE A 80 -5.65 -11.53 5.70
C ILE A 80 -5.43 -13.04 5.45
N TYR A 81 -5.05 -13.40 4.22
CA TYR A 81 -4.80 -14.82 3.91
C TYR A 81 -3.72 -15.44 4.80
N PHE A 82 -2.57 -14.79 4.91
CA PHE A 82 -1.49 -15.34 5.73
C PHE A 82 -1.84 -15.42 7.21
N SER A 83 -2.71 -14.54 7.69
CA SER A 83 -3.12 -14.56 9.10
C SER A 83 -3.77 -15.88 9.52
N ARG A 84 -4.40 -16.55 8.57
CA ARG A 84 -5.08 -17.82 8.84
C ARG A 84 -4.19 -18.98 9.32
N ASN A 85 -2.99 -19.09 8.76
CA ASN A 85 -2.09 -20.18 9.11
C ASN A 85 -0.76 -19.73 9.70
N LEU A 86 -0.62 -18.43 9.95
CA LEU A 86 0.62 -17.85 10.47
C LEU A 86 1.21 -18.54 11.71
N PHE A 87 0.39 -18.82 12.73
CA PHE A 87 0.88 -19.47 13.95
C PHE A 87 1.48 -20.84 13.71
N ASN A 88 0.70 -21.73 13.08
CA ASN A 88 1.18 -23.09 12.79
C ASN A 88 2.38 -23.05 11.87
N LEU A 89 2.34 -22.14 10.91
CA LEU A 89 3.43 -21.99 9.95
C LEU A 89 4.73 -21.54 10.66
N TYR A 90 4.62 -20.51 11.49
CA TYR A 90 5.77 -19.99 12.22
C TYR A 90 6.28 -21.02 13.24
N LYS A 91 5.39 -21.60 14.02
CA LYS A 91 5.80 -22.59 15.03
C LYS A 91 6.50 -23.80 14.43
N ARG A 92 5.90 -24.44 13.42
CA ARG A 92 6.51 -25.60 12.81
C ARG A 92 7.87 -25.28 12.18
N THR A 93 7.98 -24.09 11.57
CA THR A 93 9.24 -23.66 10.97
C THR A 93 10.29 -23.48 12.07
N TYR A 94 9.93 -22.73 13.10
CA TYR A 94 10.82 -22.47 14.22
C TYR A 94 11.41 -23.75 14.81
N LEU A 95 10.55 -24.76 15.01
CA LEU A 95 10.96 -26.05 15.59
C LEU A 95 11.83 -26.93 14.66
N LEU A 96 11.94 -26.54 13.40
CA LEU A 96 12.74 -27.31 12.45
C LEU A 96 13.95 -26.57 11.87
N VAL A 97 14.29 -25.41 12.42
CA VAL A 97 15.45 -24.64 11.94
C VAL A 97 16.46 -24.38 13.06
N ASP A 98 17.68 -24.00 12.68
CA ASP A 98 18.75 -23.73 13.63
C ASP A 98 18.50 -22.48 14.47
N ASN A 99 19.32 -22.31 15.50
CA ASN A 99 19.19 -21.18 16.42
C ASN A 99 19.52 -19.79 15.90
N THR A 100 20.40 -19.67 14.90
CA THR A 100 20.70 -18.35 14.35
C THR A 100 19.49 -17.91 13.53
N THR A 101 18.91 -18.86 12.79
CA THR A 101 17.72 -18.58 11.98
C THR A 101 16.58 -18.19 12.92
N ARG A 102 16.57 -18.78 14.11
CA ARG A 102 15.55 -18.47 15.12
C ARG A 102 15.62 -17.00 15.56
N THR A 103 16.81 -16.41 15.75
CA THR A 103 16.86 -15.01 16.17
C THR A 103 16.33 -14.09 15.06
N LYS A 104 16.58 -14.46 13.80
CA LYS A 104 16.07 -13.67 12.69
C LYS A 104 14.54 -13.78 12.61
N LEU A 105 14.00 -14.96 12.93
CA LEU A 105 12.55 -15.16 12.96
C LEU A 105 11.96 -14.29 14.08
N ILE A 106 12.71 -14.16 15.19
CA ILE A 106 12.28 -13.37 16.33
C ILE A 106 12.26 -11.87 16.02
N ASN A 107 13.30 -11.37 15.34
CA ASN A 107 13.34 -9.95 14.98
C ASN A 107 12.26 -9.59 13.95
N MET A 108 11.96 -10.54 13.07
CA MET A 108 10.93 -10.34 12.05
C MET A 108 9.60 -10.17 12.77
N PHE A 109 9.35 -11.01 13.77
CA PHE A 109 8.12 -10.95 14.57
C PHE A 109 7.98 -9.59 15.28
N LYS A 110 9.06 -9.09 15.86
CA LYS A 110 9.02 -7.80 16.58
C LYS A 110 8.51 -6.65 15.70
N LEU A 111 8.97 -6.62 14.44
CA LEU A 111 8.55 -5.56 13.53
C LEU A 111 7.12 -5.76 13.06
N TRP A 112 6.56 -6.95 13.28
CA TRP A 112 5.17 -7.23 12.88
C TRP A 112 4.22 -6.52 13.86
N LEU A 113 4.76 -6.15 15.03
CA LEU A 113 3.98 -5.46 16.06
C LEU A 113 3.81 -3.95 15.76
N ASN A 114 4.76 -3.35 15.07
CA ASN A 114 4.67 -1.93 14.70
C ASN A 114 5.38 -1.72 13.37
N PRO A 115 4.78 -2.19 12.26
CA PRO A 115 5.35 -2.06 10.92
C PRO A 115 5.31 -0.64 10.37
N ASN A 116 6.45 -0.20 9.82
CA ASN A 116 6.60 1.12 9.21
C ASN A 116 6.17 2.27 10.15
N ASP A 117 6.35 2.06 11.45
CA ASP A 117 5.98 3.05 12.47
C ASP A 117 4.55 3.56 12.30
N THR A 118 3.63 2.66 11.98
CA THR A 118 2.22 3.02 11.81
C THR A 118 1.47 2.92 13.14
N GLY A 119 2.02 2.15 14.07
CA GLY A 119 1.38 1.98 15.36
C GLY A 119 0.25 0.95 15.34
N LEU A 120 0.16 0.18 14.26
CA LEU A 120 -0.89 -0.84 14.09
C LEU A 120 -0.25 -2.17 13.67
N PRO A 121 -0.58 -3.27 14.38
CA PRO A 121 -0.03 -4.62 14.08
C PRO A 121 -0.29 -5.08 12.65
N LEU A 122 0.72 -5.71 12.03
CA LEU A 122 0.62 -6.19 10.65
C LEU A 122 -0.38 -7.31 10.41
N PHE A 123 -0.52 -8.21 11.38
CA PHE A 123 -1.43 -9.34 11.27
C PHE A 123 -2.45 -9.37 12.40
N GLU A 124 -3.40 -10.28 12.28
CA GLU A 124 -4.45 -10.48 13.29
C GLU A 124 -3.84 -10.59 14.69
N GLY A 125 -4.34 -9.77 15.61
CA GLY A 125 -3.85 -9.78 16.97
C GLY A 125 -3.77 -11.14 17.63
N SER A 126 -4.67 -12.06 17.27
CA SER A 126 -4.69 -13.39 17.87
C SER A 126 -3.49 -14.26 17.47
N ALA A 127 -3.18 -14.28 16.17
CA ALA A 127 -2.05 -15.05 15.67
C ALA A 127 -0.76 -14.59 16.37
N LEU A 128 -0.60 -13.28 16.48
CA LEU A 128 0.57 -12.69 17.10
C LEU A 128 0.69 -13.01 18.59
N GLU A 129 -0.44 -13.07 19.29
CA GLU A 129 -0.43 -13.39 20.73
C GLU A 129 -0.01 -14.84 20.94
N LYS A 130 -0.50 -15.74 20.09
CA LYS A 130 -0.16 -17.16 20.16
C LYS A 130 1.33 -17.37 19.89
N ILE A 131 1.87 -16.62 18.93
CA ILE A 131 3.29 -16.77 18.61
C ILE A 131 4.12 -16.28 19.79
N GLU A 132 3.70 -15.19 20.42
CA GLU A 132 4.45 -14.66 21.57
C GLU A 132 4.46 -15.64 22.74
N GLN A 133 3.34 -16.30 22.97
CA GLN A 133 3.25 -17.29 24.05
C GLN A 133 4.15 -18.48 23.74
N PHE A 134 4.23 -18.83 22.47
CA PHE A 134 5.08 -19.93 22.04
C PHE A 134 6.54 -19.56 22.27
N LEU A 135 6.90 -18.33 21.93
CA LEU A 135 8.27 -17.86 22.10
C LEU A 135 8.68 -17.82 23.58
N ILE A 136 7.75 -17.46 24.46
CA ILE A 136 8.07 -17.42 25.88
C ILE A 136 8.35 -18.84 26.38
N LYS A 137 7.52 -19.80 25.96
CA LYS A 137 7.70 -21.20 26.35
C LYS A 137 8.95 -21.84 25.74
N ALA A 138 9.54 -21.18 24.75
CA ALA A 138 10.75 -21.70 24.10
C ALA A 138 11.97 -20.90 24.58
N SER A 139 11.77 -20.13 25.64
CA SER A 139 12.83 -19.27 26.22
C SER A 139 13.39 -18.34 25.15
N ALA A 140 12.51 -17.77 24.33
CA ALA A 140 12.91 -16.88 23.24
C ALA A 140 12.35 -15.46 23.32
N ALA A 141 11.49 -15.20 24.30
CA ALA A 141 10.92 -13.87 24.53
C ALA A 141 10.72 -13.75 26.05
N ALA A 142 10.83 -12.53 26.57
CA ALA A 142 10.69 -12.33 28.01
C ALA A 142 9.25 -12.43 28.50
N LEU A 143 9.04 -13.19 29.56
CA LEU A 143 7.72 -13.37 30.14
C LEU A 143 7.16 -12.01 30.56
N GLU A 144 6.19 -11.53 29.81
CA GLU A 144 5.57 -10.24 30.11
C GLU A 144 6.63 -9.15 30.27
N ASP B 4 -40.85 -1.32 -21.31
CA ASP B 4 -39.48 -1.69 -21.80
C ASP B 4 -38.45 -1.74 -20.68
N THR B 5 -38.90 -1.79 -19.44
CA THR B 5 -37.99 -1.84 -18.31
C THR B 5 -37.04 -3.03 -18.46
N GLU B 6 -37.59 -4.15 -18.94
CA GLU B 6 -36.79 -5.35 -19.14
C GLU B 6 -35.63 -5.08 -20.11
N VAL B 7 -35.94 -4.54 -21.28
CA VAL B 7 -34.90 -4.26 -22.26
C VAL B 7 -33.96 -3.16 -21.79
N ILE B 8 -34.51 -2.10 -21.21
CA ILE B 8 -33.68 -1.00 -20.73
C ILE B 8 -32.71 -1.48 -19.66
N VAL B 9 -33.17 -2.37 -18.79
CA VAL B 9 -32.32 -2.91 -17.73
C VAL B 9 -31.30 -3.86 -18.35
N LYS B 10 -31.74 -4.65 -19.34
CA LYS B 10 -30.84 -5.59 -20.00
C LYS B 10 -29.75 -4.80 -20.72
N ASP B 11 -30.14 -3.69 -21.35
CA ASP B 11 -29.21 -2.84 -22.06
C ASP B 11 -28.18 -2.26 -21.10
N PHE B 12 -28.65 -1.78 -19.95
CA PHE B 12 -27.75 -1.21 -18.95
C PHE B 12 -26.72 -2.27 -18.56
N ASN B 13 -27.21 -3.47 -18.28
CA ASN B 13 -26.31 -4.56 -17.89
C ASN B 13 -25.32 -4.91 -18.99
N SER B 14 -25.79 -4.99 -20.24
CA SER B 14 -24.92 -5.34 -21.35
C SER B 14 -23.82 -4.31 -21.55
N ILE B 15 -24.19 -3.03 -21.55
CA ILE B 15 -23.22 -1.95 -21.73
C ILE B 15 -22.23 -1.91 -20.56
N LEU B 16 -22.69 -2.35 -19.40
CA LEU B 16 -21.84 -2.36 -18.20
C LEU B 16 -20.81 -3.49 -18.26
N GLU B 17 -21.18 -4.60 -18.88
CA GLU B 17 -20.29 -5.75 -18.99
C GLU B 17 -19.07 -5.47 -19.88
N GLU B 18 -19.12 -4.35 -20.61
CA GLU B 18 -18.02 -3.98 -21.50
C GLU B 18 -17.11 -2.93 -20.86
N LEU B 19 -17.44 -2.50 -19.65
CA LEU B 19 -16.64 -1.50 -18.95
C LEU B 19 -15.40 -2.17 -18.35
N THR B 20 -14.50 -2.61 -19.22
CA THR B 20 -13.27 -3.29 -18.82
C THR B 20 -12.10 -2.33 -18.65
N PHE B 21 -12.30 -1.07 -19.04
CA PHE B 21 -11.28 -0.04 -18.92
C PHE B 21 -11.91 1.31 -18.62
N ASN B 22 -11.09 2.35 -18.53
CA ASN B 22 -11.58 3.70 -18.24
C ASN B 22 -12.19 4.36 -19.48
N SER B 23 -13.33 3.86 -19.91
CA SER B 23 -14.01 4.40 -21.09
C SER B 23 -14.99 5.52 -20.78
N ARG B 24 -14.63 6.75 -21.15
CA ARG B 24 -15.52 7.89 -20.92
C ARG B 24 -16.81 7.73 -21.71
N PRO B 25 -16.74 7.13 -22.92
CA PRO B 25 -17.94 6.94 -23.73
C PRO B 25 -18.95 6.00 -23.06
N ILE B 26 -18.44 4.90 -22.50
CA ILE B 26 -19.30 3.95 -21.82
C ILE B 26 -19.89 4.57 -20.56
N ILE B 27 -19.07 5.37 -19.86
CA ILE B 27 -19.53 6.03 -18.63
C ILE B 27 -20.54 7.14 -18.94
N THR B 28 -20.36 7.82 -20.07
CA THR B 28 -21.28 8.88 -20.47
C THR B 28 -22.61 8.24 -20.87
N THR B 29 -22.55 7.10 -21.55
CA THR B 29 -23.74 6.39 -21.98
C THR B 29 -24.55 5.92 -20.76
N LEU B 30 -23.86 5.36 -19.77
CA LEU B 30 -24.52 4.89 -18.56
C LEU B 30 -25.09 6.07 -17.77
N THR B 31 -24.35 7.18 -17.75
CA THR B 31 -24.81 8.36 -17.02
C THR B 31 -26.08 8.94 -17.66
N LYS B 32 -26.18 8.86 -18.99
CA LYS B 32 -27.34 9.38 -19.71
C LYS B 32 -28.58 8.52 -19.48
N LEU B 33 -28.41 7.21 -19.38
CA LEU B 33 -29.51 6.31 -19.15
C LEU B 33 -30.06 6.52 -17.73
N ALA B 34 -29.18 6.82 -16.80
CA ALA B 34 -29.55 7.05 -15.41
C ALA B 34 -30.36 8.34 -15.24
N GLU B 35 -30.02 9.36 -16.04
CA GLU B 35 -30.71 10.65 -15.99
C GLU B 35 -32.06 10.59 -16.70
N GLU B 36 -32.11 9.84 -17.79
CA GLU B 36 -33.32 9.70 -18.60
C GLU B 36 -34.28 8.64 -18.08
N ASN B 37 -33.79 7.72 -17.27
CA ASN B 37 -34.63 6.65 -16.74
C ASN B 37 -34.52 6.52 -15.22
N ILE B 38 -34.70 7.64 -14.52
CA ILE B 38 -34.62 7.67 -13.06
C ILE B 38 -35.61 6.70 -12.42
N SER B 39 -36.55 6.20 -13.21
CA SER B 39 -37.55 5.26 -12.73
C SER B 39 -36.97 3.87 -12.47
N CYS B 40 -35.85 3.58 -13.12
CA CYS B 40 -35.19 2.28 -12.96
C CYS B 40 -33.99 2.39 -12.03
N ALA B 41 -33.92 3.49 -11.29
CA ALA B 41 -32.83 3.75 -10.37
C ALA B 41 -32.33 2.52 -9.60
N GLN B 42 -33.19 1.89 -8.82
CA GLN B 42 -32.81 0.71 -8.04
C GLN B 42 -32.14 -0.41 -8.85
N TYR B 43 -32.65 -0.67 -10.05
CA TYR B 43 -32.07 -1.70 -10.90
C TYR B 43 -30.65 -1.34 -11.30
N PHE B 44 -30.45 -0.08 -11.70
CA PHE B 44 -29.13 0.38 -12.11
C PHE B 44 -28.14 0.33 -10.95
N VAL B 45 -28.63 0.63 -9.74
CA VAL B 45 -27.81 0.61 -8.55
C VAL B 45 -27.40 -0.83 -8.21
N ASP B 46 -28.32 -1.77 -8.35
CA ASP B 46 -28.02 -3.17 -8.06
C ASP B 46 -27.06 -3.77 -9.09
N ALA B 47 -27.19 -3.35 -10.35
CA ALA B 47 -26.31 -3.84 -11.40
C ALA B 47 -24.89 -3.36 -11.17
N ILE B 48 -24.75 -2.08 -10.83
CA ILE B 48 -23.45 -1.47 -10.58
C ILE B 48 -22.80 -1.99 -9.30
N GLU B 49 -23.59 -2.19 -8.25
CA GLU B 49 -23.04 -2.70 -7.00
C GLU B 49 -22.62 -4.16 -7.15
N SER B 50 -23.39 -4.92 -7.93
CA SER B 50 -23.07 -6.32 -8.16
C SER B 50 -21.80 -6.42 -9.01
N ARG B 51 -21.67 -5.53 -9.98
CA ARG B 51 -20.50 -5.48 -10.86
C ARG B 51 -19.25 -5.21 -10.04
N ILE B 52 -19.33 -4.24 -9.14
CA ILE B 52 -18.21 -3.85 -8.29
C ILE B 52 -17.79 -4.99 -7.35
N GLU B 53 -18.77 -5.76 -6.92
CA GLU B 53 -18.53 -6.88 -6.00
C GLU B 53 -17.99 -8.16 -6.62
N LYS B 54 -18.33 -8.44 -7.87
CA LYS B 54 -17.89 -9.68 -8.51
C LYS B 54 -16.90 -9.63 -9.67
N CYS B 55 -16.79 -8.50 -10.35
CA CYS B 55 -15.85 -8.42 -11.48
C CYS B 55 -14.40 -8.60 -11.01
N MET B 56 -13.49 -8.72 -11.97
CA MET B 56 -12.07 -8.89 -11.65
C MET B 56 -11.62 -7.65 -10.87
N PRO B 57 -10.60 -7.81 -10.01
CA PRO B 57 -10.07 -6.71 -9.19
C PRO B 57 -9.56 -5.50 -9.98
N LYS B 58 -8.90 -5.74 -11.11
CA LYS B 58 -8.37 -4.66 -11.93
C LYS B 58 -9.39 -3.74 -12.61
N GLN B 59 -10.68 -4.04 -12.47
CA GLN B 59 -11.67 -3.16 -13.09
C GLN B 59 -12.80 -2.73 -12.17
N LYS B 60 -12.61 -2.92 -10.87
CA LYS B 60 -13.60 -2.52 -9.90
C LYS B 60 -13.62 -0.98 -9.85
N LEU B 61 -12.46 -0.38 -10.07
CA LEU B 61 -12.33 1.08 -10.07
C LEU B 61 -13.22 1.75 -11.12
N TYR B 62 -13.28 1.16 -12.31
CA TYR B 62 -14.07 1.72 -13.41
C TYR B 62 -15.57 1.67 -13.17
N ALA B 63 -16.00 0.66 -12.41
CA ALA B 63 -17.42 0.54 -12.09
C ALA B 63 -17.71 1.64 -11.06
N PHE B 64 -16.69 1.99 -10.29
CA PHE B 64 -16.81 3.03 -9.27
C PHE B 64 -16.82 4.42 -9.92
N TYR B 65 -16.22 4.53 -11.10
CA TYR B 65 -16.21 5.79 -11.84
C TYR B 65 -17.61 6.05 -12.38
N ALA B 66 -18.31 4.97 -12.71
CA ALA B 66 -19.67 5.08 -13.22
C ALA B 66 -20.55 5.59 -12.09
N LEU B 67 -20.37 5.01 -10.90
CA LEU B 67 -21.11 5.41 -9.72
C LEU B 67 -20.86 6.89 -9.42
N ASP B 68 -19.60 7.30 -9.51
CA ASP B 68 -19.21 8.69 -9.25
C ASP B 68 -19.85 9.69 -10.23
N SER B 69 -19.77 9.39 -11.52
CA SER B 69 -20.34 10.24 -12.57
C SER B 69 -21.84 10.41 -12.43
N ILE B 70 -22.55 9.32 -12.15
CA ILE B 70 -23.99 9.38 -12.01
C ILE B 70 -24.40 10.23 -10.81
N CYS B 71 -23.68 10.08 -9.70
CA CYS B 71 -23.99 10.85 -8.50
C CYS B 71 -23.64 12.34 -8.61
N LYS B 72 -22.65 12.69 -9.42
CA LYS B 72 -22.25 14.08 -9.59
C LYS B 72 -23.03 14.79 -10.70
N ASN B 73 -23.34 14.07 -11.77
CA ASN B 73 -24.09 14.66 -12.89
C ASN B 73 -25.61 14.49 -12.80
N VAL B 74 -26.08 13.51 -12.03
CA VAL B 74 -27.52 13.29 -11.90
C VAL B 74 -28.03 13.61 -10.49
N GLY B 75 -27.33 13.10 -9.48
CA GLY B 75 -27.72 13.36 -8.11
C GLY B 75 -28.77 12.41 -7.57
N SER B 76 -29.73 12.95 -6.83
CA SER B 76 -30.81 12.15 -6.25
C SER B 76 -31.58 11.45 -7.36
N PRO B 77 -32.13 10.25 -7.09
CA PRO B 77 -32.07 9.51 -5.82
C PRO B 77 -30.80 8.66 -5.69
N TYR B 78 -30.01 8.61 -6.75
CA TYR B 78 -28.77 7.83 -6.77
C TYR B 78 -27.88 8.08 -5.56
N THR B 79 -27.69 9.34 -5.20
CA THR B 79 -26.86 9.68 -4.05
C THR B 79 -27.42 9.06 -2.78
N ILE B 80 -28.74 8.92 -2.73
CA ILE B 80 -29.41 8.32 -1.58
C ILE B 80 -29.25 6.81 -1.56
N TYR B 81 -29.57 6.16 -2.69
CA TYR B 81 -29.46 4.71 -2.81
C TYR B 81 -28.05 4.18 -2.57
N PHE B 82 -27.07 4.78 -3.21
CA PHE B 82 -25.69 4.34 -3.07
C PHE B 82 -25.12 4.55 -1.67
N SER B 83 -25.68 5.47 -0.90
CA SER B 83 -25.19 5.74 0.45
C SER B 83 -25.35 4.57 1.42
N ARG B 84 -26.31 3.70 1.12
CA ARG B 84 -26.61 2.56 1.98
C ARG B 84 -25.56 1.45 2.05
N ASN B 85 -24.91 1.16 0.93
CA ASN B 85 -23.88 0.12 0.89
C ASN B 85 -22.50 0.70 0.56
N LEU B 86 -22.45 2.02 0.40
CA LEU B 86 -21.20 2.71 0.05
C LEU B 86 -20.00 2.28 0.88
N PHE B 87 -20.12 2.35 2.21
CA PHE B 87 -19.03 1.94 3.09
C PHE B 87 -18.52 0.54 2.78
N ASN B 88 -19.44 -0.42 2.68
CA ASN B 88 -19.07 -1.80 2.38
C ASN B 88 -18.39 -1.98 1.03
N LEU B 89 -18.93 -1.36 -0.02
CA LEU B 89 -18.33 -1.48 -1.33
C LEU B 89 -16.97 -0.78 -1.40
N TYR B 90 -16.88 0.38 -0.76
CA TYR B 90 -15.64 1.13 -0.76
C TYR B 90 -14.54 0.30 -0.08
N LYS B 91 -14.87 -0.23 1.11
CA LYS B 91 -13.92 -1.03 1.87
C LYS B 91 -13.49 -2.31 1.15
N ARG B 92 -14.45 -3.07 0.62
CA ARG B 92 -14.11 -4.30 -0.08
C ARG B 92 -13.24 -4.06 -1.32
N THR B 93 -13.54 -3.01 -2.07
CA THR B 93 -12.75 -2.69 -3.26
C THR B 93 -11.34 -2.30 -2.83
N TYR B 94 -11.25 -1.38 -1.88
CA TYR B 94 -9.98 -0.88 -1.36
C TYR B 94 -9.07 -2.04 -0.94
N LEU B 95 -9.63 -3.00 -0.20
CA LEU B 95 -8.87 -4.15 0.27
C LEU B 95 -8.49 -5.14 -0.84
N LEU B 96 -8.90 -4.87 -2.08
CA LEU B 96 -8.57 -5.77 -3.19
C LEU B 96 -7.85 -5.12 -4.37
N VAL B 97 -7.42 -3.86 -4.22
CA VAL B 97 -6.72 -3.18 -5.31
C VAL B 97 -5.33 -2.70 -4.86
N ASP B 98 -4.48 -2.35 -5.83
CA ASP B 98 -3.13 -1.88 -5.55
C ASP B 98 -3.13 -0.51 -4.85
N ASN B 99 -1.96 -0.09 -4.37
CA ASN B 99 -1.85 1.17 -3.65
C ASN B 99 -2.02 2.44 -4.50
N THR B 100 -1.73 2.38 -5.80
CA THR B 100 -1.92 3.56 -6.65
C THR B 100 -3.42 3.78 -6.80
N THR B 101 -4.16 2.68 -6.99
CA THR B 101 -5.61 2.77 -7.10
C THR B 101 -6.18 3.28 -5.78
N ARG B 102 -5.59 2.85 -4.67
CA ARG B 102 -6.03 3.29 -3.36
C ARG B 102 -5.92 4.81 -3.24
N THR B 103 -4.78 5.37 -3.67
CA THR B 103 -4.56 6.81 -3.62
C THR B 103 -5.67 7.50 -4.40
N LYS B 104 -6.07 6.85 -5.49
CA LYS B 104 -7.13 7.33 -6.36
C LYS B 104 -8.47 7.31 -5.62
N LEU B 105 -8.73 6.26 -4.85
CA LEU B 105 -9.98 6.14 -4.10
C LEU B 105 -10.05 7.18 -2.98
N ILE B 106 -8.89 7.60 -2.50
CA ILE B 106 -8.81 8.59 -1.42
C ILE B 106 -9.12 10.02 -1.92
N ASN B 107 -8.63 10.37 -3.11
CA ASN B 107 -8.90 11.70 -3.65
C ASN B 107 -10.36 11.78 -4.07
N MET B 108 -10.93 10.65 -4.47
CA MET B 108 -12.33 10.61 -4.84
C MET B 108 -13.18 10.87 -3.60
N PHE B 109 -12.75 10.29 -2.47
CA PHE B 109 -13.45 10.46 -1.21
C PHE B 109 -13.39 11.92 -0.75
N LYS B 110 -12.24 12.57 -0.95
CA LYS B 110 -12.09 13.97 -0.56
C LYS B 110 -13.05 14.86 -1.36
N LEU B 111 -13.28 14.50 -2.62
CA LEU B 111 -14.18 15.24 -3.48
C LEU B 111 -15.62 15.03 -3.04
N TRP B 112 -15.90 13.90 -2.40
CA TRP B 112 -17.24 13.62 -1.92
C TRP B 112 -17.50 14.51 -0.70
N LEU B 113 -16.42 14.87 -0.01
CA LEU B 113 -16.53 15.73 1.18
C LEU B 113 -16.58 17.21 0.84
N ASN B 114 -16.01 17.60 -0.29
CA ASN B 114 -15.98 18.99 -0.70
C ASN B 114 -16.30 19.18 -2.18
N PRO B 115 -17.54 18.86 -2.59
CA PRO B 115 -17.99 18.99 -3.98
C PRO B 115 -17.80 20.39 -4.55
N ASN B 116 -17.14 20.48 -5.69
CA ASN B 116 -16.87 21.76 -6.36
C ASN B 116 -16.66 22.89 -5.36
N ASP B 117 -15.86 22.62 -4.34
CA ASP B 117 -15.56 23.59 -3.29
C ASP B 117 -16.82 24.18 -2.66
N THR B 118 -17.50 23.39 -1.85
CA THR B 118 -18.72 23.84 -1.19
C THR B 118 -18.70 23.45 0.29
N GLY B 119 -17.78 22.56 0.64
CA GLY B 119 -17.68 22.11 2.03
C GLY B 119 -18.92 21.35 2.49
N LEU B 120 -19.77 20.96 1.54
CA LEU B 120 -21.00 20.23 1.83
C LEU B 120 -20.94 18.87 1.12
N PRO B 121 -20.95 17.76 1.89
CA PRO B 121 -20.88 16.37 1.41
C PRO B 121 -21.91 15.90 0.38
N LEU B 122 -21.43 15.08 -0.56
CA LEU B 122 -22.25 14.52 -1.63
C LEU B 122 -23.12 13.35 -1.16
N PHE B 123 -22.59 12.54 -0.25
CA PHE B 123 -23.32 11.39 0.28
C PHE B 123 -23.67 11.62 1.74
N GLU B 124 -24.48 10.74 2.33
CA GLU B 124 -24.86 10.94 3.73
C GLU B 124 -23.64 11.05 4.63
N GLY B 125 -23.61 12.12 5.43
CA GLY B 125 -22.49 12.38 6.33
C GLY B 125 -22.01 11.22 7.18
N SER B 126 -22.94 10.43 7.69
CA SER B 126 -22.59 9.29 8.55
C SER B 126 -21.85 8.18 7.80
N ALA B 127 -22.18 7.98 6.53
CA ALA B 127 -21.52 6.93 5.74
C ALA B 127 -20.08 7.37 5.42
N LEU B 128 -19.90 8.66 5.22
CA LEU B 128 -18.58 9.21 4.91
C LEU B 128 -17.70 9.19 6.15
N GLU B 129 -18.33 9.20 7.32
CA GLU B 129 -17.60 9.18 8.58
C GLU B 129 -16.99 7.80 8.81
N LYS B 130 -17.74 6.75 8.47
CA LYS B 130 -17.25 5.38 8.62
C LYS B 130 -16.05 5.13 7.71
N ILE B 131 -16.13 5.60 6.47
CA ILE B 131 -15.03 5.43 5.54
C ILE B 131 -13.79 6.09 6.11
N GLU B 132 -13.93 7.31 6.63
CA GLU B 132 -12.80 8.02 7.17
C GLU B 132 -12.19 7.27 8.36
N GLN B 133 -13.02 6.55 9.11
CA GLN B 133 -12.54 5.78 10.25
C GLN B 133 -11.73 4.60 9.73
N PHE B 134 -12.25 3.97 8.67
CA PHE B 134 -11.59 2.84 8.03
C PHE B 134 -10.22 3.27 7.51
N LEU B 135 -10.19 4.41 6.80
CA LEU B 135 -8.95 4.93 6.25
C LEU B 135 -7.93 5.20 7.35
N ILE B 136 -8.41 5.68 8.50
CA ILE B 136 -7.51 5.95 9.62
C ILE B 136 -6.90 4.64 10.09
N LYS B 137 -7.70 3.58 10.13
CA LYS B 137 -7.21 2.28 10.55
C LYS B 137 -6.29 1.63 9.52
N ALA B 138 -6.37 2.09 8.28
CA ALA B 138 -5.51 1.56 7.22
C ALA B 138 -4.33 2.51 6.98
N SER B 139 -4.10 3.41 7.94
CA SER B 139 -3.02 4.40 7.86
C SER B 139 -3.11 5.25 6.59
N ALA B 140 -4.33 5.60 6.17
CA ALA B 140 -4.54 6.40 4.97
C ALA B 140 -5.15 7.78 5.23
N ALA B 141 -5.47 8.07 6.49
CA ALA B 141 -6.04 9.36 6.87
C ALA B 141 -5.43 9.77 8.21
N ALA B 142 -5.24 11.07 8.42
CA ALA B 142 -4.63 11.60 9.64
C ALA B 142 -5.47 11.58 10.91
N LEU B 143 -4.77 11.62 12.04
CA LEU B 143 -5.38 11.63 13.37
C LEU B 143 -5.84 10.24 13.78
N ASP C 2 10.80 16.77 -22.47
CA ASP C 2 9.85 15.66 -22.73
C ASP C 2 8.51 15.96 -22.07
N HIS C 3 7.42 15.57 -22.72
CA HIS C 3 6.07 15.80 -22.20
C HIS C 3 5.71 14.85 -21.07
N ASP C 4 5.89 13.55 -21.31
CA ASP C 4 5.57 12.54 -20.32
C ASP C 4 6.27 12.77 -18.99
N THR C 5 7.55 13.11 -19.03
CA THR C 5 8.30 13.34 -17.81
C THR C 5 7.76 14.53 -17.03
N GLU C 6 7.33 15.56 -17.76
CA GLU C 6 6.80 16.77 -17.16
C GLU C 6 5.61 16.45 -16.25
N VAL C 7 4.67 15.67 -16.76
CA VAL C 7 3.50 15.29 -15.99
C VAL C 7 3.86 14.35 -14.84
N ILE C 8 4.78 13.42 -15.10
CA ILE C 8 5.21 12.47 -14.07
C ILE C 8 5.81 13.24 -12.88
N VAL C 9 6.67 14.19 -13.18
CA VAL C 9 7.30 14.99 -12.13
C VAL C 9 6.27 15.84 -11.38
N LYS C 10 5.31 16.41 -12.10
CA LYS C 10 4.27 17.22 -11.47
C LYS C 10 3.42 16.37 -10.53
N ASP C 11 3.04 15.19 -10.99
CA ASP C 11 2.21 14.29 -10.18
C ASP C 11 2.92 13.78 -8.93
N PHE C 12 4.23 13.60 -9.01
CA PHE C 12 5.03 13.15 -7.87
C PHE C 12 5.03 14.31 -6.85
N ASN C 13 5.21 15.53 -7.35
CA ASN C 13 5.22 16.71 -6.48
C ASN C 13 3.90 16.97 -5.77
N SER C 14 2.79 16.88 -6.50
CA SER C 14 1.49 17.12 -5.89
C SER C 14 1.15 16.06 -4.86
N ILE C 15 1.50 14.82 -5.14
CA ILE C 15 1.24 13.73 -4.21
C ILE C 15 2.05 13.96 -2.94
N LEU C 16 3.31 14.35 -3.12
CA LEU C 16 4.21 14.62 -2.00
C LEU C 16 3.76 15.77 -1.10
N GLU C 17 3.15 16.80 -1.69
CA GLU C 17 2.68 17.93 -0.90
C GLU C 17 1.51 17.53 -0.02
N GLU C 18 0.97 16.34 -0.25
CA GLU C 18 -0.14 15.80 0.52
C GLU C 18 0.37 15.01 1.74
N LEU C 19 1.66 14.72 1.77
CA LEU C 19 2.26 13.95 2.86
C LEU C 19 2.39 14.75 4.16
N THR C 20 1.27 14.94 4.85
CA THR C 20 1.25 15.70 6.09
C THR C 20 1.19 14.81 7.33
N PHE C 21 1.09 13.49 7.12
CA PHE C 21 1.07 12.50 8.19
C PHE C 21 1.70 11.20 7.65
N ASN C 22 1.81 10.16 8.48
CA ASN C 22 2.41 8.92 8.03
C ASN C 22 1.46 8.09 7.16
N SER C 23 1.32 8.52 5.90
CA SER C 23 0.44 7.86 4.95
C SER C 23 1.06 6.71 4.16
N ARG C 24 0.59 5.48 4.39
CA ARG C 24 1.09 4.31 3.67
C ARG C 24 0.75 4.34 2.18
N PRO C 25 -0.49 4.71 1.80
CA PRO C 25 -0.87 4.76 0.39
C PRO C 25 0.00 5.76 -0.39
N ILE C 26 0.24 6.92 0.21
CA ILE C 26 1.08 7.95 -0.42
C ILE C 26 2.53 7.49 -0.52
N ILE C 27 3.07 6.96 0.59
CA ILE C 27 4.45 6.51 0.58
C ILE C 27 4.71 5.35 -0.40
N THR C 28 3.83 4.36 -0.45
CA THR C 28 4.03 3.25 -1.39
C THR C 28 3.81 3.67 -2.86
N THR C 29 2.94 4.64 -3.09
CA THR C 29 2.70 5.12 -4.46
C THR C 29 3.93 5.89 -4.95
N LEU C 30 4.52 6.72 -4.09
CA LEU C 30 5.72 7.46 -4.45
C LEU C 30 6.85 6.46 -4.74
N THR C 31 6.89 5.37 -3.96
CA THR C 31 7.91 4.32 -4.15
C THR C 31 7.71 3.65 -5.50
N LYS C 32 6.45 3.35 -5.84
CA LYS C 32 6.09 2.74 -7.12
C LYS C 32 6.57 3.62 -8.28
N LEU C 33 6.29 4.91 -8.18
CA LEU C 33 6.68 5.88 -9.22
C LEU C 33 8.18 5.91 -9.40
N ALA C 34 8.92 5.83 -8.30
CA ALA C 34 10.38 5.82 -8.33
C ALA C 34 10.93 4.55 -9.00
N GLU C 35 10.26 3.42 -8.74
CA GLU C 35 10.67 2.13 -9.32
C GLU C 35 10.41 2.07 -10.83
N GLU C 36 9.25 2.56 -11.27
CA GLU C 36 8.89 2.53 -12.68
C GLU C 36 9.37 3.71 -13.55
N ASN C 37 9.90 4.76 -12.91
CA ASN C 37 10.36 5.93 -13.67
C ASN C 37 11.76 6.33 -13.26
N ILE C 38 12.66 5.35 -13.17
CA ILE C 38 14.03 5.62 -12.78
C ILE C 38 14.70 6.72 -13.59
N SER C 39 14.22 6.94 -14.81
CA SER C 39 14.80 7.98 -15.65
C SER C 39 14.60 9.39 -15.05
N CYS C 40 13.63 9.52 -14.14
CA CYS C 40 13.33 10.81 -13.51
C CYS C 40 13.89 10.86 -12.08
N ALA C 41 14.72 9.89 -11.72
CA ALA C 41 15.29 9.79 -10.39
C ALA C 41 15.77 11.08 -9.71
N GLN C 42 16.60 11.88 -10.39
CA GLN C 42 17.12 13.10 -9.76
C GLN C 42 16.03 14.13 -9.47
N TYR C 43 15.02 14.21 -10.32
CA TYR C 43 13.93 15.15 -10.08
C TYR C 43 13.21 14.73 -8.79
N PHE C 44 13.04 13.42 -8.59
CA PHE C 44 12.35 12.92 -7.38
C PHE C 44 13.17 13.21 -6.12
N VAL C 45 14.49 13.10 -6.24
CA VAL C 45 15.37 13.38 -5.12
C VAL C 45 15.26 14.86 -4.70
N ASP C 46 15.30 15.76 -5.68
CA ASP C 46 15.19 17.20 -5.42
C ASP C 46 13.89 17.57 -4.71
N ALA C 47 12.80 16.97 -5.18
CA ALA C 47 11.49 17.23 -4.60
C ALA C 47 11.46 16.85 -3.12
N ILE C 48 11.95 15.64 -2.82
CA ILE C 48 11.96 15.15 -1.45
C ILE C 48 12.87 15.95 -0.51
N GLU C 49 14.06 16.29 -0.96
CA GLU C 49 14.99 17.05 -0.11
C GLU C 49 14.43 18.45 0.17
N SER C 50 13.89 19.09 -0.87
CA SER C 50 13.33 20.42 -0.74
C SER C 50 12.15 20.42 0.24
N ARG C 51 11.34 19.37 0.19
CA ARG C 51 10.19 19.23 1.07
C ARG C 51 10.69 19.14 2.51
N ILE C 52 11.76 18.37 2.71
CA ILE C 52 12.36 18.19 4.02
C ILE C 52 12.88 19.50 4.63
N GLU C 53 13.35 20.40 3.78
CA GLU C 53 13.87 21.69 4.24
C GLU C 53 12.84 22.81 4.39
N LYS C 54 11.77 22.76 3.60
CA LYS C 54 10.73 23.79 3.63
C LYS C 54 9.56 23.56 4.57
N CYS C 55 9.04 22.34 4.66
CA CYS C 55 7.90 22.07 5.52
C CYS C 55 8.22 22.31 6.99
N MET C 56 7.20 22.26 7.84
CA MET C 56 7.40 22.48 9.27
C MET C 56 7.94 21.24 9.97
N PRO C 57 8.67 21.44 11.09
CA PRO C 57 9.26 20.35 11.87
C PRO C 57 8.41 19.10 11.95
N LYS C 58 7.18 19.26 12.44
CA LYS C 58 6.25 18.16 12.59
C LYS C 58 6.13 17.24 11.37
N GLN C 59 6.32 17.77 10.16
CA GLN C 59 6.17 16.97 8.95
C GLN C 59 7.46 16.61 8.19
N LYS C 60 8.61 17.02 8.72
CA LYS C 60 9.88 16.71 8.08
C LYS C 60 10.15 15.19 8.19
N LEU C 61 9.58 14.58 9.23
CA LEU C 61 9.74 13.15 9.47
C LEU C 61 9.11 12.26 8.40
N TYR C 62 7.89 12.60 7.99
CA TYR C 62 7.18 11.81 6.99
C TYR C 62 7.86 11.89 5.63
N ALA C 63 8.55 13.00 5.39
CA ALA C 63 9.26 13.17 4.13
C ALA C 63 10.47 12.23 4.18
N PHE C 64 11.02 12.05 5.38
CA PHE C 64 12.15 11.15 5.56
C PHE C 64 11.71 9.68 5.41
N TYR C 65 10.44 9.41 5.72
CA TYR C 65 9.91 8.04 5.58
C TYR C 65 9.75 7.69 4.10
N ALA C 66 9.45 8.69 3.27
CA ALA C 66 9.30 8.48 1.84
C ALA C 66 10.68 8.17 1.27
N LEU C 67 11.68 8.89 1.76
CA LEU C 67 13.07 8.70 1.34
C LEU C 67 13.48 7.28 1.74
N ASP C 68 13.14 6.88 2.96
CA ASP C 68 13.45 5.56 3.50
C ASP C 68 12.86 4.42 2.67
N SER C 69 11.55 4.47 2.41
CA SER C 69 10.88 3.44 1.64
C SER C 69 11.46 3.27 0.23
N ILE C 70 11.75 4.38 -0.43
CA ILE C 70 12.32 4.36 -1.76
C ILE C 70 13.68 3.68 -1.78
N CYS C 71 14.54 4.02 -0.83
CA CYS C 71 15.87 3.43 -0.80
C CYS C 71 15.88 1.93 -0.45
N LYS C 72 15.03 1.52 0.49
CA LYS C 72 14.95 0.12 0.90
C LYS C 72 14.24 -0.81 -0.09
N ASN C 73 13.25 -0.29 -0.81
CA ASN C 73 12.51 -1.13 -1.75
C ASN C 73 12.93 -1.02 -3.21
N VAL C 74 13.44 0.14 -3.63
CA VAL C 74 13.89 0.31 -5.00
C VAL C 74 15.41 0.11 -5.06
N GLY C 75 16.12 0.80 -4.17
CA GLY C 75 17.57 0.71 -4.14
C GLY C 75 18.23 1.77 -5.01
N SER C 76 19.25 1.37 -5.75
CA SER C 76 19.95 2.29 -6.65
C SER C 76 19.03 2.80 -7.78
N PRO C 77 19.27 4.02 -8.29
CA PRO C 77 20.31 4.98 -7.92
C PRO C 77 19.91 5.93 -6.77
N TYR C 78 18.71 5.75 -6.24
CA TYR C 78 18.24 6.59 -5.14
C TYR C 78 19.15 6.53 -3.92
N THR C 79 19.66 5.34 -3.62
CA THR C 79 20.57 5.19 -2.49
C THR C 79 21.83 6.03 -2.74
N ILE C 80 22.26 6.08 -3.99
CA ILE C 80 23.44 6.85 -4.37
C ILE C 80 23.18 8.35 -4.27
N TYR C 81 22.12 8.84 -4.92
CA TYR C 81 21.79 10.26 -4.92
C TYR C 81 21.49 10.91 -3.56
N PHE C 82 20.74 10.23 -2.70
CA PHE C 82 20.38 10.77 -1.38
C PHE C 82 21.57 10.83 -0.42
N SER C 83 22.62 10.05 -0.68
CA SER C 83 23.81 10.01 0.19
C SER C 83 24.57 11.33 0.29
N ARG C 84 24.50 12.14 -0.77
CA ARG C 84 25.21 13.43 -0.82
C ARG C 84 24.81 14.47 0.23
N ASN C 85 23.51 14.72 0.39
CA ASN C 85 23.05 15.70 1.38
C ASN C 85 22.45 15.05 2.63
N LEU C 86 22.53 13.73 2.72
CA LEU C 86 21.95 13.00 3.85
C LEU C 86 22.37 13.49 5.24
N PHE C 87 23.66 13.71 5.45
CA PHE C 87 24.12 14.17 6.77
C PHE C 87 23.51 15.52 7.18
N ASN C 88 23.72 16.54 6.35
CA ASN C 88 23.20 17.88 6.63
C ASN C 88 21.69 17.88 6.87
N LEU C 89 20.95 17.23 5.97
CA LEU C 89 19.50 17.15 6.08
C LEU C 89 19.06 16.50 7.39
N TYR C 90 19.71 15.41 7.74
CA TYR C 90 19.40 14.68 8.97
C TYR C 90 19.72 15.53 10.22
N LYS C 91 20.88 16.17 10.23
CA LYS C 91 21.28 16.99 11.36
C LYS C 91 20.40 18.22 11.57
N ARG C 92 20.23 19.04 10.53
CA ARG C 92 19.42 20.24 10.65
C ARG C 92 17.99 19.90 11.06
N THR C 93 17.50 18.76 10.57
CA THR C 93 16.15 18.31 10.91
C THR C 93 16.10 17.91 12.38
N TYR C 94 17.10 17.14 12.80
CA TYR C 94 17.19 16.68 14.18
C TYR C 94 17.20 17.86 15.15
N LEU C 95 17.95 18.90 14.81
CA LEU C 95 18.05 20.07 15.67
C LEU C 95 16.80 20.96 15.68
N LEU C 96 15.91 20.76 14.71
CA LEU C 96 14.70 21.57 14.63
C LEU C 96 13.40 20.89 15.08
N VAL C 97 13.47 19.60 15.42
CA VAL C 97 12.27 18.88 15.86
C VAL C 97 12.30 18.52 17.33
N ASP C 98 11.16 18.07 17.86
CA ASP C 98 11.04 17.71 19.26
C ASP C 98 11.68 16.36 19.61
N ASN C 99 11.71 16.06 20.90
CA ASN C 99 12.31 14.82 21.39
C ASN C 99 11.65 13.53 20.91
N THR C 100 10.33 13.51 20.84
CA THR C 100 9.62 12.33 20.38
C THR C 100 10.05 12.04 18.94
N THR C 101 10.08 13.09 18.12
CA THR C 101 10.47 12.95 16.72
C THR C 101 11.94 12.54 16.62
N ARG C 102 12.75 12.99 17.58
CA ARG C 102 14.17 12.66 17.58
C ARG C 102 14.36 11.16 17.82
N THR C 103 13.56 10.59 18.70
CA THR C 103 13.64 9.17 19.02
C THR C 103 13.40 8.32 17.77
N LYS C 104 12.41 8.70 16.97
CA LYS C 104 12.09 7.95 15.76
C LYS C 104 13.14 8.13 14.68
N LEU C 105 13.78 9.29 14.65
CA LEU C 105 14.83 9.55 13.68
C LEU C 105 16.02 8.64 14.00
N ILE C 106 16.14 8.24 15.27
CA ILE C 106 17.22 7.37 15.69
C ILE C 106 16.96 5.90 15.33
N ASN C 107 15.72 5.45 15.46
CA ASN C 107 15.37 4.07 15.12
C ASN C 107 15.51 3.86 13.61
N MET C 108 15.12 4.87 12.84
CA MET C 108 15.22 4.83 11.38
C MET C 108 16.69 4.64 11.00
N PHE C 109 17.56 5.39 11.68
CA PHE C 109 19.01 5.31 11.44
C PHE C 109 19.56 3.92 11.72
N LYS C 110 19.12 3.31 12.81
CA LYS C 110 19.60 1.98 13.20
C LYS C 110 19.30 0.94 12.12
N LEU C 111 18.11 1.02 11.52
CA LEU C 111 17.72 0.08 10.48
C LEU C 111 18.48 0.30 9.17
N TRP C 112 19.04 1.50 8.99
CA TRP C 112 19.81 1.79 7.79
C TRP C 112 21.12 1.00 7.84
N LEU C 113 21.45 0.47 9.01
CA LEU C 113 22.69 -0.28 9.19
C LEU C 113 22.59 -1.75 8.74
N ASN C 114 21.39 -2.31 8.74
CA ASN C 114 21.18 -3.69 8.28
C ASN C 114 19.77 -3.78 7.70
N PRO C 115 19.55 -3.10 6.55
CA PRO C 115 18.24 -3.10 5.89
C PRO C 115 17.85 -4.45 5.30
N ASN C 116 16.60 -4.85 5.51
CA ASN C 116 16.09 -6.13 4.98
C ASN C 116 16.97 -7.33 5.36
N ASP C 117 17.73 -7.17 6.46
CA ASP C 117 18.62 -8.22 6.96
C ASP C 117 19.60 -8.74 5.91
N THR C 118 20.07 -7.85 5.05
CA THR C 118 21.01 -8.23 4.00
C THR C 118 22.43 -8.17 4.55
N GLY C 119 22.59 -7.45 5.65
CA GLY C 119 23.89 -7.30 6.27
C GLY C 119 24.77 -6.27 5.55
N LEU C 120 24.15 -5.44 4.71
CA LEU C 120 24.89 -4.43 3.95
C LEU C 120 24.27 -3.04 4.15
N PRO C 121 25.04 -2.07 4.63
CA PRO C 121 24.55 -0.70 4.86
C PRO C 121 23.77 -0.10 3.69
N LEU C 122 22.64 0.53 3.99
CA LEU C 122 21.77 1.13 2.99
C LEU C 122 22.42 2.28 2.20
N PHE C 123 23.24 3.07 2.88
CA PHE C 123 23.92 4.19 2.25
C PHE C 123 25.43 4.00 2.26
N GLU C 124 26.05 4.14 1.09
CA GLU C 124 27.50 4.00 0.99
C GLU C 124 28.16 5.36 1.11
N GLY C 125 29.39 5.38 1.60
CA GLY C 125 30.11 6.62 1.78
C GLY C 125 30.29 6.89 3.25
N SER C 126 30.52 8.15 3.60
CA SER C 126 30.73 8.55 4.98
C SER C 126 29.49 9.16 5.64
N ALA C 127 28.38 9.18 4.92
CA ALA C 127 27.14 9.74 5.45
C ALA C 127 26.72 9.13 6.78
N LEU C 128 26.61 7.80 6.83
CA LEU C 128 26.18 7.11 8.05
C LEU C 128 27.16 7.27 9.22
N GLU C 129 28.46 7.35 8.92
CA GLU C 129 29.45 7.52 9.99
C GLU C 129 29.34 8.91 10.61
N LYS C 130 29.12 9.92 9.77
CA LYS C 130 28.99 11.30 10.25
C LYS C 130 27.78 11.46 11.16
N ILE C 131 26.69 10.81 10.81
CA ILE C 131 25.47 10.88 11.60
C ILE C 131 25.66 10.19 12.94
N GLU C 132 26.32 9.03 12.92
CA GLU C 132 26.57 8.28 14.15
C GLU C 132 27.35 9.13 15.16
N GLN C 133 28.36 9.85 14.67
CA GLN C 133 29.18 10.71 15.54
C GLN C 133 28.37 11.86 16.11
N PHE C 134 27.44 12.39 15.31
CA PHE C 134 26.59 13.48 15.75
C PHE C 134 25.67 12.99 16.87
N LEU C 135 25.14 11.79 16.71
CA LEU C 135 24.24 11.21 17.70
C LEU C 135 24.96 10.90 19.01
N ILE C 136 26.21 10.44 18.90
CA ILE C 136 27.00 10.10 20.07
C ILE C 136 27.26 11.33 20.94
N LYS C 137 27.39 12.48 20.30
CA LYS C 137 27.64 13.72 21.01
C LYS C 137 26.34 14.42 21.39
N ALA C 138 25.33 14.30 20.53
CA ALA C 138 24.04 14.94 20.79
C ALA C 138 23.23 14.17 21.82
N SER C 139 23.47 12.87 21.94
CA SER C 139 22.74 12.06 22.90
C SER C 139 23.18 12.38 24.32
N ALA C 140 22.21 12.75 25.15
CA ALA C 140 22.47 13.09 26.54
C ALA C 140 21.22 12.85 27.37
N ALA C 141 21.41 12.57 28.65
CA ALA C 141 20.29 12.32 29.56
C ALA C 141 20.73 12.52 31.01
N PRO D 6 -11.48 8.86 -24.92
CA PRO D 6 -11.46 9.78 -23.74
C PRO D 6 -11.60 9.00 -22.44
N SER D 7 -11.09 9.58 -21.35
CA SER D 7 -11.15 8.93 -20.03
C SER D 7 -11.79 9.85 -18.99
N TYR D 8 -12.45 9.24 -18.02
CA TYR D 8 -13.13 9.97 -16.95
C TYR D 8 -12.30 10.09 -15.67
N PRO D 10 -12.70 11.98 -11.61
CA PRO D 10 -13.51 12.68 -10.62
C PRO D 10 -13.49 14.22 -10.61
N THR D 11 -12.34 14.81 -10.95
CA THR D 11 -12.24 16.27 -10.93
C THR D 11 -13.06 17.00 -11.99
N SER D 12 -13.32 16.33 -13.12
CA SER D 12 -14.11 16.93 -14.19
C SER D 12 -15.22 15.96 -14.65
N PRO D 13 -16.22 15.75 -13.79
CA PRO D 13 -17.35 14.84 -14.05
C PRO D 13 -18.13 15.12 -15.34
N SER D 14 -18.22 16.40 -15.73
CA SER D 14 -18.95 16.79 -16.92
C SER D 14 -18.04 16.97 -18.12
#